data_6NZJ
#
_entry.id   6NZJ
#
_cell.length_a   96.169
_cell.length_b   96.169
_cell.length_c   320.244
_cell.angle_alpha   90.00
_cell.angle_beta   90.00
_cell.angle_gamma   120.00
#
_symmetry.space_group_name_H-M   'P 65 2 2'
#
loop_
_entity.id
_entity.type
_entity.pdbx_description
1 polymer 'Nitrogenase iron protein'
2 non-polymer 'IRON/SULFUR CLUSTER'
3 non-polymer 'SULFATE ION'
4 water water
#
_entity_poly.entity_id   1
_entity_poly.type   'polypeptide(L)'
_entity_poly.pdbx_seq_one_letter_code
;MRQIAIYGKGGIGKSTTTQNLTAALSTMGNNILLVGCDPKADSTRMLLGGLNQKTVLDTLRSEGDEGIDLDTVLQPGFGG
IKCVESGGPEPGVGCAGRGIITSIGLLENLGAYTDDLDYVFYDVLGDVVCGGFAMPIREGKAKEIYIVASGELMAIYAAN
NICKGLAKFAKGGARLGGIICNSRKVDGERELLEAFAKKLGSHLIHFVPRDNIVQRAEINRKTVIDFDRESDQAKEYLTL
ADNVQNNNKLVVPTPLPMEELEAMMVEFGIVEL
;
_entity_poly.pdbx_strand_id   A,B
#
# COMPACT_ATOMS: atom_id res chain seq x y z
N MET A 1 17.48 14.87 -20.02
CA MET A 1 16.34 14.77 -19.12
C MET A 1 16.58 13.74 -18.02
N ARG A 2 16.41 14.13 -16.76
CA ARG A 2 16.48 13.18 -15.67
C ARG A 2 15.22 12.32 -15.62
N GLN A 3 15.39 11.03 -15.33
CA GLN A 3 14.30 10.06 -15.33
C GLN A 3 14.21 9.39 -13.96
N ILE A 4 13.35 9.93 -13.11
CA ILE A 4 13.29 9.58 -11.70
C ILE A 4 11.99 8.86 -11.41
N ALA A 5 12.06 7.85 -10.55
CA ALA A 5 10.87 7.25 -9.97
C ALA A 5 10.98 7.27 -8.46
N ILE A 6 9.84 7.48 -7.80
CA ILE A 6 9.74 7.43 -6.36
C ILE A 6 8.94 6.19 -6.01
N TYR A 7 9.53 5.32 -5.18
CA TYR A 7 8.87 4.11 -4.73
C TYR A 7 8.76 4.15 -3.22
N GLY A 8 7.86 3.35 -2.67
CA GLY A 8 7.80 3.19 -1.23
C GLY A 8 6.51 2.56 -0.80
N LYS A 9 6.48 2.16 0.46
CA LYS A 9 5.26 1.63 1.04
C LYS A 9 4.20 2.71 1.07
N GLY A 10 2.94 2.30 0.89
CA GLY A 10 1.85 3.24 0.94
C GLY A 10 1.50 3.64 2.36
N GLY A 11 0.92 4.84 2.49
CA GLY A 11 0.43 5.31 3.76
C GLY A 11 1.41 6.07 4.60
N ILE A 12 2.54 6.49 4.04
CA ILE A 12 3.52 7.25 4.83
C ILE A 12 3.86 8.54 4.11
N GLY A 13 2.97 8.99 3.23
CA GLY A 13 3.15 10.28 2.58
C GLY A 13 4.12 10.30 1.41
N LYS A 14 4.24 9.20 0.67
CA LYS A 14 5.12 9.22 -0.50
C LYS A 14 4.62 10.23 -1.54
N SER A 15 3.31 10.26 -1.80
CA SER A 15 2.80 11.18 -2.82
C SER A 15 2.92 12.63 -2.38
N THR A 16 2.69 12.91 -1.11
CA THR A 16 2.91 14.26 -0.60
C THR A 16 4.35 14.69 -0.85
N THR A 17 5.31 13.82 -0.53
CA THR A 17 6.72 14.18 -0.70
C THR A 17 7.08 14.37 -2.17
N THR A 18 6.60 13.46 -3.04
CA THR A 18 6.88 13.61 -4.47
C THR A 18 6.36 14.95 -4.99
N GLN A 19 5.11 15.30 -4.64
CA GLN A 19 4.53 16.53 -5.13
C GLN A 19 5.25 17.75 -4.57
N ASN A 20 5.59 17.71 -3.28
CA ASN A 20 6.37 18.80 -2.69
C ASN A 20 7.78 18.85 -3.26
N LEU A 21 8.39 17.69 -3.52
CA LEU A 21 9.72 17.69 -4.11
C LEU A 21 9.70 18.28 -5.52
N THR A 22 8.73 17.87 -6.34
CA THR A 22 8.64 18.42 -7.69
C THR A 22 8.28 19.90 -7.68
N ALA A 23 7.36 20.31 -6.79
CA ALA A 23 7.06 21.74 -6.67
C ALA A 23 8.31 22.54 -6.34
N ALA A 24 9.08 22.06 -5.35
CA ALA A 24 10.33 22.76 -5.00
C ALA A 24 11.29 22.80 -6.18
N LEU A 25 11.42 21.69 -6.90
CA LEU A 25 12.34 21.65 -8.03
C LEU A 25 11.91 22.59 -9.15
N SER A 26 10.61 22.87 -9.27
CA SER A 26 10.15 23.75 -10.33
C SER A 26 10.58 25.20 -10.08
N THR A 27 10.64 25.61 -8.81
CA THR A 27 11.12 26.96 -8.49
C THR A 27 12.57 27.17 -8.86
N MET A 28 13.32 26.10 -9.14
CA MET A 28 14.71 26.22 -9.58
C MET A 28 14.83 26.27 -11.10
N GLY A 29 13.79 26.70 -11.79
CA GLY A 29 13.85 26.82 -13.25
C GLY A 29 13.90 25.49 -13.96
N ASN A 30 13.11 24.52 -13.52
CA ASN A 30 13.08 23.19 -14.12
C ASN A 30 11.72 22.94 -14.76
N ASN A 31 11.74 22.34 -15.95
CA ASN A 31 10.54 21.80 -16.58
C ASN A 31 10.39 20.35 -16.15
N ILE A 32 9.26 20.03 -15.53
CA ILE A 32 9.06 18.73 -14.90
C ILE A 32 7.79 18.09 -15.46
N LEU A 33 7.89 16.81 -15.84
CA LEU A 33 6.74 15.97 -16.12
C LEU A 33 6.54 15.00 -14.96
N LEU A 34 5.32 14.93 -14.43
CA LEU A 34 4.97 14.05 -13.32
C LEU A 34 3.87 13.09 -13.77
N VAL A 35 4.17 11.79 -13.73
CA VAL A 35 3.26 10.74 -14.17
C VAL A 35 2.94 9.87 -12.95
N GLY A 36 1.68 9.94 -12.49
CA GLY A 36 1.26 9.11 -11.37
C GLY A 36 1.07 7.66 -11.80
N CYS A 37 1.85 6.75 -11.24
CA CYS A 37 1.77 5.32 -11.50
C CYS A 37 1.41 4.57 -10.23
N ASP A 38 0.47 5.12 -9.47
CA ASP A 38 0.11 4.55 -8.19
C ASP A 38 -1.40 4.59 -8.05
N PRO A 39 -2.08 3.45 -8.18
CA PRO A 39 -3.55 3.44 -8.25
C PRO A 39 -4.24 3.64 -6.92
N LYS A 40 -3.50 3.91 -5.84
CA LYS A 40 -4.07 4.21 -4.55
C LYS A 40 -3.74 5.62 -4.10
N ALA A 41 -3.05 6.40 -4.93
CA ALA A 41 -2.57 7.72 -4.55
C ALA A 41 -2.98 8.75 -5.59
N ASP A 42 -3.43 9.91 -5.11
CA ASP A 42 -3.68 11.07 -5.98
C ASP A 42 -2.37 11.83 -6.11
N SER A 43 -1.57 11.44 -7.10
CA SER A 43 -0.20 11.92 -7.22
C SER A 43 -0.10 13.36 -7.71
N THR A 44 -1.20 14.01 -8.08
CA THR A 44 -1.11 15.33 -8.70
C THR A 44 -2.05 16.36 -8.12
N ARG A 45 -2.85 16.00 -7.11
CA ARG A 45 -3.92 16.90 -6.71
C ARG A 45 -3.39 18.14 -6.00
N MET A 46 -2.28 18.02 -5.26
CA MET A 46 -1.72 19.20 -4.61
C MET A 46 -1.11 20.15 -5.61
N LEU A 47 -0.80 19.69 -6.82
CA LEU A 47 -0.23 20.53 -7.86
C LEU A 47 -1.28 21.09 -8.81
N LEU A 48 -2.43 20.42 -8.96
CA LEU A 48 -3.47 20.83 -9.87
C LEU A 48 -4.66 21.49 -9.17
N GLY A 49 -4.88 21.16 -7.90
CA GLY A 49 -5.91 21.79 -7.12
C GLY A 49 -7.24 21.08 -7.07
N GLY A 50 -7.48 20.10 -7.93
CA GLY A 50 -8.75 19.42 -7.96
C GLY A 50 -8.76 18.15 -7.13
N LEU A 51 -9.54 17.18 -7.59
CA LEU A 51 -9.53 15.82 -7.06
C LEU A 51 -9.47 14.85 -8.23
N ASN A 52 -8.49 13.95 -8.21
CA ASN A 52 -8.44 12.79 -9.09
C ASN A 52 -8.59 13.21 -10.56
N GLN A 53 -7.52 13.77 -11.11
CA GLN A 53 -7.54 14.18 -12.51
C GLN A 53 -7.90 12.99 -13.40
N LYS A 54 -8.50 13.29 -14.54
CA LYS A 54 -8.89 12.23 -15.47
C LYS A 54 -7.65 11.45 -15.86
N THR A 55 -7.70 10.13 -15.69
CA THR A 55 -6.52 9.30 -15.92
C THR A 55 -6.43 8.89 -17.38
N VAL A 56 -5.20 8.52 -17.78
CA VAL A 56 -4.97 8.06 -19.14
C VAL A 56 -5.80 6.82 -19.44
N LEU A 57 -5.78 5.84 -18.53
CA LEU A 57 -6.45 4.57 -18.79
C LEU A 57 -7.97 4.74 -18.76
N ASP A 58 -8.49 5.55 -17.83
CA ASP A 58 -9.93 5.79 -17.83
C ASP A 58 -10.37 6.49 -19.10
N THR A 59 -9.56 7.45 -19.58
CA THR A 59 -9.89 8.09 -20.85
C THR A 59 -9.92 7.07 -21.97
N LEU A 60 -8.91 6.21 -22.03
CA LEU A 60 -8.83 5.21 -23.08
C LEU A 60 -10.01 4.25 -23.02
N ARG A 61 -10.44 3.88 -21.83
CA ARG A 61 -11.54 2.94 -21.68
C ARG A 61 -12.90 3.58 -21.91
N SER A 62 -12.99 4.91 -21.91
CA SER A 62 -14.28 5.59 -21.90
C SER A 62 -15.00 5.41 -23.24
N GLU A 63 -16.31 5.66 -23.21
CA GLU A 63 -17.15 5.46 -24.38
C GLU A 63 -16.70 6.37 -25.53
N GLY A 64 -16.81 5.85 -26.74
CA GLY A 64 -16.48 6.61 -27.94
C GLY A 64 -15.23 6.10 -28.63
N ASP A 65 -14.99 6.65 -29.81
CA ASP A 65 -13.88 6.24 -30.65
C ASP A 65 -12.86 7.35 -30.90
N GLU A 66 -13.15 8.58 -30.48
CA GLU A 66 -12.26 9.69 -30.82
C GLU A 66 -10.90 9.54 -30.14
N GLY A 67 -9.86 9.98 -30.84
CA GLY A 67 -8.52 9.84 -30.32
C GLY A 67 -8.28 10.77 -29.15
N ILE A 68 -7.50 10.30 -28.17
CA ILE A 68 -7.20 11.09 -27.00
C ILE A 68 -6.44 12.34 -27.40
N ASP A 69 -6.81 13.48 -26.83
CA ASP A 69 -6.04 14.72 -26.94
C ASP A 69 -5.15 14.85 -25.71
N LEU A 70 -3.90 15.28 -25.94
CA LEU A 70 -2.94 15.42 -24.84
C LEU A 70 -3.49 16.29 -23.71
N ASP A 71 -4.18 17.37 -24.08
CA ASP A 71 -4.75 18.27 -23.08
C ASP A 71 -5.79 17.59 -22.21
N THR A 72 -6.33 16.45 -22.66
CA THR A 72 -7.27 15.73 -21.81
C THR A 72 -6.56 15.10 -20.62
N VAL A 73 -5.39 14.52 -20.85
CA VAL A 73 -4.73 13.68 -19.85
C VAL A 73 -3.50 14.32 -19.25
N LEU A 74 -3.03 15.44 -19.79
CA LEU A 74 -1.87 16.15 -19.27
C LEU A 74 -2.31 17.56 -18.93
N GLN A 75 -2.29 17.91 -17.64
CA GLN A 75 -2.72 19.22 -17.21
C GLN A 75 -1.59 19.97 -16.52
N PRO A 76 -1.46 21.27 -16.76
CA PRO A 76 -0.38 22.03 -16.13
C PRO A 76 -0.75 22.43 -14.72
N GLY A 77 0.21 22.31 -13.81
CA GLY A 77 -0.04 22.63 -12.42
C GLY A 77 0.97 23.61 -11.88
N PHE A 78 1.08 23.69 -10.55
CA PHE A 78 2.00 24.61 -9.93
C PHE A 78 3.39 24.48 -10.54
N GLY A 79 4.06 25.61 -10.72
CA GLY A 79 5.39 25.64 -11.32
C GLY A 79 5.44 25.21 -12.76
N GLY A 80 4.29 25.05 -13.42
CA GLY A 80 4.29 24.52 -14.76
C GLY A 80 4.59 23.04 -14.85
N ILE A 81 4.53 22.32 -13.74
CA ILE A 81 4.71 20.87 -13.79
C ILE A 81 3.56 20.28 -14.60
N LYS A 82 3.91 19.52 -15.64
CA LYS A 82 2.90 18.80 -16.40
C LYS A 82 2.49 17.58 -15.59
N CYS A 83 1.18 17.41 -15.40
CA CYS A 83 0.64 16.41 -14.49
C CYS A 83 -0.16 15.37 -15.26
N VAL A 84 0.11 14.10 -15.00
CA VAL A 84 -0.56 12.98 -15.64
C VAL A 84 -0.79 11.90 -14.60
N GLU A 85 -1.97 11.28 -14.64
CA GLU A 85 -2.28 10.10 -13.85
C GLU A 85 -2.52 8.94 -14.82
N SER A 86 -1.74 7.88 -14.68
CA SER A 86 -1.90 6.73 -15.57
C SER A 86 -3.25 6.06 -15.36
N GLY A 87 -3.63 5.84 -14.10
CA GLY A 87 -4.87 5.16 -13.79
C GLY A 87 -4.64 3.72 -13.37
N GLY A 88 -5.63 3.16 -12.67
CA GLY A 88 -5.52 1.82 -12.12
C GLY A 88 -5.95 0.73 -13.09
N PRO A 89 -5.69 -0.52 -12.73
CA PRO A 89 -6.14 -1.62 -13.58
C PRO A 89 -7.66 -1.76 -13.53
N GLU A 90 -8.19 -2.35 -14.59
CA GLU A 90 -9.56 -2.81 -14.57
C GLU A 90 -9.78 -3.69 -13.34
N PRO A 91 -10.65 -3.30 -12.41
CA PRO A 91 -10.66 -3.94 -11.08
C PRO A 91 -10.87 -5.45 -11.17
N GLY A 92 -9.90 -6.18 -10.62
CA GLY A 92 -9.96 -7.62 -10.54
C GLY A 92 -9.57 -8.34 -11.81
N VAL A 93 -9.13 -7.62 -12.84
CA VAL A 93 -8.88 -8.22 -14.15
C VAL A 93 -7.55 -7.76 -14.72
N GLY A 94 -7.32 -6.44 -14.74
CA GLY A 94 -6.15 -5.88 -15.38
C GLY A 94 -4.87 -6.05 -14.58
N CYS A 95 -3.77 -5.59 -15.18
CA CYS A 95 -2.45 -5.63 -14.59
C CYS A 95 -1.83 -4.25 -14.70
N ALA A 96 -1.23 -3.78 -13.61
CA ALA A 96 -0.73 -2.40 -13.61
C ALA A 96 0.50 -2.25 -14.49
N GLY A 97 1.26 -3.33 -14.70
CA GLY A 97 2.37 -3.26 -15.62
C GLY A 97 1.92 -2.90 -17.03
N ARG A 98 0.92 -3.61 -17.55
CA ARG A 98 0.40 -3.28 -18.87
C ARG A 98 -0.22 -1.89 -18.87
N GLY A 99 -0.94 -1.54 -17.80
CA GLY A 99 -1.55 -0.21 -17.74
C GLY A 99 -0.53 0.91 -17.74
N ILE A 100 0.55 0.74 -16.98
CA ILE A 100 1.59 1.77 -16.92
C ILE A 100 2.30 1.89 -18.26
N ILE A 101 2.66 0.77 -18.87
CA ILE A 101 3.32 0.82 -20.18
C ILE A 101 2.37 1.38 -21.23
N THR A 102 1.08 1.07 -21.11
CA THR A 102 0.09 1.61 -22.03
C THR A 102 0.03 3.13 -21.93
N SER A 103 -0.01 3.65 -20.70
CA SER A 103 -0.06 5.11 -20.52
C SER A 103 1.19 5.78 -21.07
N ILE A 104 2.36 5.24 -20.72
CA ILE A 104 3.60 5.87 -21.17
C ILE A 104 3.69 5.82 -22.69
N GLY A 105 3.32 4.68 -23.28
CA GLY A 105 3.31 4.60 -24.74
C GLY A 105 2.45 5.66 -25.37
N LEU A 106 1.25 5.87 -24.83
CA LEU A 106 0.34 6.87 -25.39
C LEU A 106 0.85 8.28 -25.12
N LEU A 107 1.47 8.50 -23.96
CA LEU A 107 2.07 9.80 -23.70
C LEU A 107 3.18 10.08 -24.70
N GLU A 108 4.02 9.08 -25.00
CA GLU A 108 5.09 9.27 -25.96
C GLU A 108 4.54 9.67 -27.32
N ASN A 109 3.50 8.97 -27.79
CA ASN A 109 2.91 9.27 -29.09
C ASN A 109 2.35 10.68 -29.14
N LEU A 110 1.72 11.14 -28.06
CA LEU A 110 1.14 12.48 -28.03
C LEU A 110 2.17 13.58 -27.80
N GLY A 111 3.44 13.25 -27.64
CA GLY A 111 4.48 14.26 -27.48
C GLY A 111 4.63 14.87 -26.11
N ALA A 112 4.18 14.18 -25.05
CA ALA A 112 4.34 14.75 -23.71
C ALA A 112 5.79 14.86 -23.29
N TYR A 113 6.68 14.04 -23.87
CA TYR A 113 8.09 14.03 -23.51
C TYR A 113 8.80 15.06 -24.38
N THR A 114 8.61 16.33 -24.02
CA THR A 114 9.11 17.44 -24.81
C THR A 114 10.61 17.65 -24.58
N ASP A 115 11.27 18.18 -25.62
CA ASP A 115 12.72 18.31 -25.61
C ASP A 115 13.23 19.25 -24.52
N ASP A 116 12.39 20.11 -23.98
CA ASP A 116 12.81 21.06 -22.97
C ASP A 116 12.54 20.56 -21.55
N LEU A 117 12.18 19.29 -21.39
CA LEU A 117 11.93 18.74 -20.06
C LEU A 117 13.25 18.51 -19.34
N ASP A 118 13.34 18.97 -18.10
CA ASP A 118 14.50 18.69 -17.28
C ASP A 118 14.34 17.43 -16.45
N TYR A 119 13.11 17.14 -16.01
CA TYR A 119 12.81 15.98 -15.18
C TYR A 119 11.53 15.33 -15.65
N VAL A 120 11.51 14.01 -15.62
CA VAL A 120 10.26 13.25 -15.56
C VAL A 120 10.29 12.47 -14.25
N PHE A 121 9.19 12.53 -13.52
CA PHE A 121 9.03 11.80 -12.27
C PHE A 121 7.90 10.80 -12.43
N TYR A 122 8.16 9.57 -11.98
CA TYR A 122 7.10 8.58 -11.84
C TYR A 122 6.88 8.34 -10.36
N ASP A 123 5.64 8.46 -9.93
CA ASP A 123 5.23 8.15 -8.56
C ASP A 123 4.60 6.77 -8.61
N VAL A 124 5.36 5.76 -8.18
CA VAL A 124 4.98 4.37 -8.38
C VAL A 124 4.65 3.72 -7.04
N LEU A 125 3.61 2.90 -7.04
CA LEU A 125 3.26 2.10 -5.88
C LEU A 125 4.41 1.16 -5.51
N GLY A 126 4.66 0.99 -4.21
CA GLY A 126 5.75 0.18 -3.72
C GLY A 126 5.35 -0.86 -2.71
N ASP A 127 4.05 -1.11 -2.59
CA ASP A 127 3.52 -2.07 -1.62
C ASP A 127 3.69 -3.51 -2.09
N VAL A 128 3.75 -3.72 -3.40
CA VAL A 128 4.12 -5.01 -3.96
C VAL A 128 5.21 -4.75 -4.99
N VAL A 129 6.27 -5.52 -4.93
CA VAL A 129 7.37 -5.31 -5.88
C VAL A 129 7.26 -6.35 -6.98
N CYS A 130 6.13 -6.37 -7.67
CA CYS A 130 5.91 -7.38 -8.70
C CYS A 130 6.50 -6.93 -10.03
N GLY A 131 6.46 -7.82 -11.02
CA GLY A 131 6.94 -7.45 -12.35
C GLY A 131 6.18 -6.27 -12.94
N GLY A 132 4.90 -6.12 -12.57
CA GLY A 132 4.09 -5.05 -13.14
C GLY A 132 4.56 -3.67 -12.70
N PHE A 133 4.68 -3.46 -11.39
CA PHE A 133 5.08 -2.13 -10.94
C PHE A 133 6.57 -1.85 -11.13
N ALA A 134 7.36 -2.87 -11.49
CA ALA A 134 8.76 -2.67 -11.86
C ALA A 134 8.94 -2.32 -13.34
N MET A 135 7.87 -2.36 -14.14
CA MET A 135 8.02 -2.07 -15.57
C MET A 135 8.65 -0.70 -15.86
N PRO A 136 8.39 0.37 -15.10
CA PRO A 136 9.13 1.61 -15.37
C PRO A 136 10.63 1.43 -15.26
N ILE A 137 11.08 0.60 -14.33
CA ILE A 137 12.51 0.35 -14.19
C ILE A 137 12.98 -0.59 -15.29
N ARG A 138 12.31 -1.73 -15.44
CA ARG A 138 12.75 -2.73 -16.42
C ARG A 138 12.87 -2.11 -17.81
N GLU A 139 11.91 -1.29 -18.20
CA GLU A 139 11.89 -0.70 -19.53
C GLU A 139 12.72 0.57 -19.61
N GLY A 140 13.49 0.90 -18.58
CA GLY A 140 14.36 2.05 -18.64
C GLY A 140 13.66 3.38 -18.72
N LYS A 141 12.37 3.43 -18.37
CA LYS A 141 11.68 4.71 -18.30
C LYS A 141 12.16 5.53 -17.10
N ALA A 142 12.53 4.85 -16.02
CA ALA A 142 13.06 5.51 -14.83
C ALA A 142 14.41 4.89 -14.52
N LYS A 143 15.45 5.73 -14.50
CA LYS A 143 16.81 5.28 -14.25
C LYS A 143 17.30 5.60 -12.85
N GLU A 144 16.66 6.54 -12.17
CA GLU A 144 17.17 7.10 -10.92
C GLU A 144 16.04 7.01 -9.90
N ILE A 145 16.16 6.08 -8.96
CA ILE A 145 15.07 5.72 -8.07
C ILE A 145 15.35 6.24 -6.67
N TYR A 146 14.33 6.82 -6.04
CA TYR A 146 14.40 7.21 -4.65
C TYR A 146 13.30 6.48 -3.90
N ILE A 147 13.63 5.98 -2.71
CA ILE A 147 12.68 5.20 -1.92
C ILE A 147 12.30 6.03 -0.70
N VAL A 148 11.00 6.28 -0.54
CA VAL A 148 10.50 6.90 0.67
C VAL A 148 10.31 5.83 1.73
N ALA A 149 10.78 6.09 2.93
CA ALA A 149 10.67 5.14 4.02
C ALA A 149 10.44 5.89 5.33
N SER A 150 10.10 5.12 6.36
CA SER A 150 9.94 5.64 7.70
C SER A 150 10.49 4.61 8.67
N GLY A 151 10.64 5.02 9.93
CA GLY A 151 11.15 4.13 10.95
C GLY A 151 10.16 3.08 11.41
N GLU A 152 9.52 2.41 10.46
CA GLU A 152 8.55 1.36 10.76
C GLU A 152 8.98 0.07 10.09
N LEU A 153 8.66 -1.04 10.75
CA LEU A 153 9.11 -2.36 10.35
C LEU A 153 8.88 -2.64 8.85
N MET A 154 7.62 -2.61 8.41
CA MET A 154 7.33 -2.98 7.03
C MET A 154 7.63 -1.87 6.03
N ALA A 155 7.76 -0.62 6.48
CA ALA A 155 8.22 0.42 5.56
C ALA A 155 9.65 0.15 5.13
N ILE A 156 10.50 -0.25 6.08
CA ILE A 156 11.88 -0.57 5.74
C ILE A 156 11.97 -1.90 4.99
N TYR A 157 11.14 -2.88 5.39
CA TYR A 157 11.07 -4.13 4.65
C TYR A 157 10.70 -3.89 3.19
N ALA A 158 9.69 -3.06 2.95
CA ALA A 158 9.29 -2.73 1.58
C ALA A 158 10.45 -2.12 0.79
N ALA A 159 11.12 -1.13 1.39
CA ALA A 159 12.27 -0.50 0.74
C ALA A 159 13.33 -1.53 0.37
N ASN A 160 13.62 -2.46 1.29
CA ASN A 160 14.61 -3.49 1.00
C ASN A 160 14.17 -4.34 -0.19
N ASN A 161 12.87 -4.65 -0.27
CA ASN A 161 12.40 -5.45 -1.40
C ASN A 161 12.45 -4.67 -2.71
N ILE A 162 12.13 -3.38 -2.66
CA ILE A 162 12.29 -2.53 -3.83
C ILE A 162 13.74 -2.55 -4.31
N CYS A 163 14.69 -2.50 -3.36
CA CYS A 163 16.10 -2.56 -3.73
C CYS A 163 16.45 -3.87 -4.41
N LYS A 164 15.84 -4.98 -3.99
CA LYS A 164 16.10 -6.24 -4.65
C LYS A 164 15.65 -6.18 -6.11
N GLY A 165 14.45 -5.66 -6.37
CA GLY A 165 14.00 -5.53 -7.74
C GLY A 165 14.85 -4.54 -8.52
N LEU A 166 15.22 -3.43 -7.87
CA LEU A 166 16.08 -2.45 -8.51
C LEU A 166 17.43 -3.06 -8.89
N ALA A 167 18.00 -3.89 -8.01
CA ALA A 167 19.28 -4.51 -8.32
C ALA A 167 19.19 -5.42 -9.54
N LYS A 168 18.02 -6.03 -9.79
CA LYS A 168 17.89 -6.96 -10.89
C LYS A 168 18.06 -6.30 -12.25
N PHE A 169 17.84 -4.98 -12.34
CA PHE A 169 17.93 -4.26 -13.60
C PHE A 169 19.14 -3.32 -13.62
N ALA A 170 20.19 -3.68 -12.89
CA ALA A 170 21.38 -2.83 -12.82
C ALA A 170 22.08 -2.74 -14.17
N LYS A 171 22.10 -3.83 -14.94
CA LYS A 171 22.80 -3.82 -16.22
C LYS A 171 22.25 -2.74 -17.15
N GLY A 172 20.94 -2.52 -17.13
CA GLY A 172 20.34 -1.49 -17.97
C GLY A 172 20.62 -0.07 -17.51
N GLY A 173 21.20 0.11 -16.33
CA GLY A 173 21.54 1.43 -15.85
C GLY A 173 20.69 1.97 -14.74
N ALA A 174 19.71 1.22 -14.23
CA ALA A 174 18.92 1.67 -13.10
C ALA A 174 19.76 1.75 -11.83
N ARG A 175 19.58 2.83 -11.07
CA ARG A 175 20.37 3.03 -9.86
C ARG A 175 19.48 3.48 -8.72
N LEU A 176 19.90 3.19 -7.50
CA LEU A 176 19.31 3.78 -6.32
C LEU A 176 19.95 5.14 -6.10
N GLY A 177 19.14 6.17 -5.99
CA GLY A 177 19.63 7.52 -5.77
C GLY A 177 19.73 7.85 -4.30
N GLY A 178 18.88 7.23 -3.49
CA GLY A 178 18.93 7.47 -2.07
C GLY A 178 17.61 7.15 -1.43
N ILE A 179 17.64 7.16 -0.11
CA ILE A 179 16.46 6.95 0.72
C ILE A 179 15.96 8.31 1.19
N ILE A 180 14.64 8.49 1.17
CA ILE A 180 13.99 9.67 1.74
C ILE A 180 13.18 9.20 2.92
N CYS A 181 13.38 9.82 4.07
CA CYS A 181 12.67 9.47 5.28
C CYS A 181 11.51 10.44 5.49
N ASN A 182 10.30 9.92 5.58
CA ASN A 182 9.13 10.70 5.96
C ASN A 182 8.93 10.48 7.45
N SER A 183 9.28 11.48 8.25
CA SER A 183 9.28 11.34 9.71
C SER A 183 7.91 10.94 10.24
N ARG A 184 7.86 9.78 10.91
CA ARG A 184 6.71 9.39 11.71
C ARG A 184 6.90 9.74 13.18
N LYS A 185 7.86 10.61 13.49
CA LYS A 185 8.16 11.02 14.87
C LYS A 185 8.51 9.84 15.76
N VAL A 186 9.21 8.86 15.20
CA VAL A 186 9.69 7.68 15.93
C VAL A 186 11.05 8.01 16.54
N ASP A 187 11.32 7.47 17.74
CA ASP A 187 12.57 7.76 18.43
C ASP A 187 13.74 7.10 17.68
N GLY A 188 14.78 7.88 17.42
CA GLY A 188 15.92 7.36 16.67
C GLY A 188 15.64 7.05 15.21
N GLU A 189 14.58 7.65 14.66
CA GLU A 189 14.18 7.35 13.29
C GLU A 189 15.27 7.73 12.29
N ARG A 190 15.87 8.91 12.47
CA ARG A 190 16.89 9.36 11.53
C ARG A 190 18.13 8.47 11.62
N GLU A 191 18.54 8.12 12.85
CA GLU A 191 19.67 7.22 13.01
C GLU A 191 19.42 5.89 12.30
N LEU A 192 18.22 5.34 12.44
CA LEU A 192 17.88 4.06 11.82
C LEU A 192 17.94 4.14 10.30
N LEU A 193 17.29 5.15 9.73
CA LEU A 193 17.26 5.25 8.28
C LEU A 193 18.64 5.54 7.71
N GLU A 194 19.46 6.32 8.42
CA GLU A 194 20.84 6.50 8.00
C GLU A 194 21.61 5.17 8.00
N ALA A 195 21.37 4.34 9.01
CA ALA A 195 22.04 3.04 9.05
C ALA A 195 21.54 2.12 7.95
N PHE A 196 20.22 2.12 7.72
CA PHE A 196 19.66 1.33 6.62
C PHE A 196 20.24 1.78 5.29
N ALA A 197 20.25 3.09 5.04
CA ALA A 197 20.77 3.58 3.77
C ALA A 197 22.24 3.21 3.60
N LYS A 198 23.00 3.24 4.70
CA LYS A 198 24.42 2.94 4.62
C LYS A 198 24.66 1.47 4.26
N LYS A 199 23.88 0.56 4.85
CA LYS A 199 24.01 -0.86 4.53
C LYS A 199 23.59 -1.16 3.10
N LEU A 200 22.67 -0.38 2.53
CA LEU A 200 22.34 -0.56 1.13
C LEU A 200 23.44 -0.07 0.21
N GLY A 201 24.46 0.62 0.74
CA GLY A 201 25.45 1.26 -0.10
C GLY A 201 25.06 2.63 -0.57
N SER A 202 24.08 3.25 0.06
CA SER A 202 23.51 4.51 -0.40
C SER A 202 23.56 5.55 0.73
N HIS A 203 22.63 6.50 0.72
CA HIS A 203 22.61 7.50 1.78
C HIS A 203 21.20 8.02 1.95
N LEU A 204 20.93 8.57 3.14
CA LEU A 204 19.69 9.28 3.42
C LEU A 204 19.82 10.68 2.82
N ILE A 205 19.20 10.90 1.66
CA ILE A 205 19.42 12.16 0.96
C ILE A 205 18.70 13.31 1.64
N HIS A 206 17.63 13.04 2.38
CA HIS A 206 17.08 14.07 3.25
C HIS A 206 16.12 13.45 4.25
N PHE A 207 15.97 14.12 5.38
CA PHE A 207 15.04 13.76 6.42
C PHE A 207 13.90 14.78 6.40
N VAL A 208 12.70 14.31 6.09
CA VAL A 208 11.54 15.20 5.94
C VAL A 208 10.78 15.18 7.26
N PRO A 209 10.73 16.30 8.00
CA PRO A 209 10.12 16.30 9.33
C PRO A 209 8.61 16.40 9.27
N ARG A 210 7.97 15.84 10.29
CA ARG A 210 6.56 16.11 10.51
C ARG A 210 6.37 17.59 10.81
N ASP A 211 5.43 18.22 10.10
CA ASP A 211 5.12 19.63 10.33
C ASP A 211 3.66 19.82 9.97
N ASN A 212 2.87 20.35 10.91
CA ASN A 212 1.44 20.49 10.70
C ASN A 212 1.10 21.37 9.51
N ILE A 213 2.05 22.16 9.02
CA ILE A 213 1.78 22.98 7.86
C ILE A 213 1.56 22.16 6.60
N VAL A 214 2.06 20.91 6.56
CA VAL A 214 1.75 20.07 5.40
C VAL A 214 0.27 19.74 5.36
N GLN A 215 -0.33 19.41 6.52
CA GLN A 215 -1.76 19.13 6.53
C GLN A 215 -2.57 20.39 6.25
N ARG A 216 -2.06 21.55 6.66
CA ARG A 216 -2.73 22.80 6.33
C ARG A 216 -2.65 23.09 4.84
N ALA A 217 -1.48 22.86 4.23
CA ALA A 217 -1.32 23.10 2.80
C ALA A 217 -2.20 22.15 1.98
N GLU A 218 -2.33 20.90 2.43
CA GLU A 218 -3.13 19.93 1.69
C GLU A 218 -4.62 20.22 1.86
N ILE A 219 -5.03 20.63 3.06
CA ILE A 219 -6.40 21.10 3.25
C ILE A 219 -6.73 22.20 2.23
N ASN A 220 -5.76 23.06 1.96
CA ASN A 220 -5.88 24.07 0.92
C ASN A 220 -5.50 23.55 -0.46
N ARG A 221 -5.37 22.23 -0.60
CA ARG A 221 -5.19 21.61 -1.92
C ARG A 221 -3.94 22.12 -2.63
N LYS A 222 -2.86 22.29 -1.86
CA LYS A 222 -1.61 22.84 -2.40
C LYS A 222 -0.42 22.11 -1.78
N THR A 223 0.72 22.24 -2.45
CA THR A 223 1.98 21.86 -1.84
C THR A 223 2.43 22.94 -0.85
N VAL A 224 3.35 22.58 0.04
CA VAL A 224 3.85 23.53 1.01
C VAL A 224 4.58 24.67 0.31
N ILE A 225 5.32 24.34 -0.75
CA ILE A 225 6.07 25.35 -1.50
C ILE A 225 5.12 26.40 -2.07
N ASP A 226 3.95 25.95 -2.51
CA ASP A 226 2.93 26.86 -3.04
C ASP A 226 2.22 27.59 -1.92
N PHE A 227 1.90 26.88 -0.84
CA PHE A 227 1.11 27.44 0.25
C PHE A 227 1.89 28.49 1.04
N ASP A 228 3.21 28.33 1.15
CA ASP A 228 4.05 29.22 1.97
C ASP A 228 5.51 29.05 1.59
N ARG A 229 5.95 29.77 0.55
CA ARG A 229 7.30 29.60 0.04
C ARG A 229 8.35 29.85 1.12
N GLU A 230 8.08 30.75 2.06
CA GLU A 230 9.07 31.12 3.07
C GLU A 230 8.96 30.29 4.35
N SER A 231 8.07 29.29 4.40
CA SER A 231 7.93 28.49 5.60
C SER A 231 9.15 27.57 5.80
N ASP A 232 9.25 27.03 7.01
CA ASP A 232 10.38 26.16 7.34
C ASP A 232 10.31 24.86 6.55
N GLN A 233 9.15 24.20 6.57
CA GLN A 233 8.99 22.96 5.81
C GLN A 233 9.25 23.19 4.33
N ALA A 234 8.89 24.36 3.80
CA ALA A 234 9.21 24.66 2.41
C ALA A 234 10.72 24.66 2.20
N LYS A 235 11.47 25.18 3.17
CA LYS A 235 12.93 25.12 3.08
C LYS A 235 13.43 23.68 3.16
N GLU A 236 12.74 22.83 3.91
CA GLU A 236 13.10 21.41 3.95
C GLU A 236 13.01 20.78 2.56
N TYR A 237 11.85 20.91 1.90
CA TYR A 237 11.70 20.36 0.56
C TYR A 237 12.66 20.99 -0.43
N LEU A 238 13.01 22.26 -0.24
CA LEU A 238 14.00 22.89 -1.10
C LEU A 238 15.38 22.27 -0.90
N THR A 239 15.73 21.94 0.35
CA THR A 239 16.94 21.18 0.60
C THR A 239 16.88 19.83 -0.09
N LEU A 240 15.78 19.10 0.13
CA LEU A 240 15.58 17.80 -0.52
C LEU A 240 15.70 17.92 -2.03
N ALA A 241 15.09 18.95 -2.62
CA ALA A 241 15.19 19.11 -4.07
C ALA A 241 16.64 19.39 -4.48
N ASP A 242 17.31 20.30 -3.76
CA ASP A 242 18.71 20.59 -4.06
C ASP A 242 19.55 19.32 -3.99
N ASN A 243 19.32 18.48 -2.98
CA ASN A 243 20.09 17.25 -2.84
C ASN A 243 19.80 16.29 -3.99
N VAL A 244 18.54 16.18 -4.41
CA VAL A 244 18.21 15.32 -5.54
C VAL A 244 18.86 15.86 -6.81
N GLN A 245 18.69 17.16 -7.06
CA GLN A 245 19.16 17.73 -8.32
C GLN A 245 20.66 17.51 -8.51
N ASN A 246 21.43 17.69 -7.44
CA ASN A 246 22.88 17.59 -7.52
C ASN A 246 23.41 16.27 -6.97
N ASN A 247 22.55 15.28 -6.79
CA ASN A 247 22.98 13.96 -6.34
C ASN A 247 23.89 13.33 -7.38
N ASN A 248 25.12 13.01 -6.99
CA ASN A 248 26.04 12.29 -7.86
C ASN A 248 26.45 10.95 -7.27
N LYS A 249 25.76 10.48 -6.23
CA LYS A 249 26.06 9.20 -5.59
C LYS A 249 24.93 8.22 -5.88
N LEU A 250 24.89 7.73 -7.12
CA LEU A 250 23.93 6.72 -7.56
C LEU A 250 24.61 5.36 -7.55
N VAL A 251 23.93 4.34 -7.00
CA VAL A 251 24.54 3.05 -6.76
C VAL A 251 23.58 1.93 -7.13
N VAL A 252 24.16 0.78 -7.44
CA VAL A 252 23.41 -0.48 -7.46
C VAL A 252 23.22 -0.88 -6.01
N PRO A 253 22.01 -0.86 -5.48
CA PRO A 253 21.85 -1.13 -4.03
C PRO A 253 22.24 -2.54 -3.69
N THR A 254 22.68 -2.73 -2.45
CA THR A 254 22.95 -4.05 -1.91
C THR A 254 21.91 -4.33 -0.84
N PRO A 255 20.83 -5.05 -1.16
CA PRO A 255 19.77 -5.29 -0.17
C PRO A 255 20.30 -6.07 1.02
N LEU A 256 19.73 -5.79 2.18
CA LEU A 256 20.16 -6.42 3.41
C LEU A 256 19.69 -7.87 3.45
N PRO A 257 20.54 -8.80 3.89
CA PRO A 257 20.07 -10.15 4.19
C PRO A 257 19.08 -10.11 5.35
N MET A 258 18.20 -11.11 5.38
CA MET A 258 17.09 -11.09 6.31
C MET A 258 17.56 -10.96 7.75
N GLU A 259 18.63 -11.69 8.12
CA GLU A 259 19.09 -11.64 9.50
C GLU A 259 19.67 -10.26 9.85
N GLU A 260 20.30 -9.59 8.89
CA GLU A 260 20.81 -8.25 9.15
C GLU A 260 19.68 -7.24 9.24
N LEU A 261 18.65 -7.40 8.41
CA LEU A 261 17.52 -6.49 8.47
C LEU A 261 16.79 -6.63 9.80
N GLU A 262 16.53 -7.88 10.22
CA GLU A 262 15.86 -8.11 11.49
C GLU A 262 16.70 -7.59 12.66
N ALA A 263 18.02 -7.82 12.60
CA ALA A 263 18.90 -7.35 13.66
C ALA A 263 18.81 -5.85 13.83
N MET A 264 18.84 -5.11 12.71
CA MET A 264 18.73 -3.66 12.77
C MET A 264 17.40 -3.22 13.38
N MET A 265 16.32 -3.97 13.13
CA MET A 265 15.05 -3.62 13.76
C MET A 265 15.13 -3.77 15.29
N VAL A 266 15.82 -4.81 15.76
CA VAL A 266 16.01 -4.97 17.20
C VAL A 266 16.94 -3.90 17.74
N GLU A 267 18.00 -3.58 16.98
CA GLU A 267 18.99 -2.63 17.46
C GLU A 267 18.39 -1.27 17.76
N PHE A 268 17.45 -0.82 16.91
CA PHE A 268 16.85 0.50 17.07
C PHE A 268 15.50 0.45 17.76
N GLY A 269 15.20 -0.66 18.41
CA GLY A 269 13.98 -0.72 19.20
C GLY A 269 12.70 -0.75 18.41
N ILE A 270 12.78 -0.92 17.08
CA ILE A 270 11.56 -0.95 16.28
C ILE A 270 10.68 -2.11 16.71
N VAL A 271 11.31 -3.23 17.05
CA VAL A 271 10.65 -4.35 17.68
C VAL A 271 11.44 -4.71 18.93
N GLU A 272 10.75 -4.99 20.03
CA GLU A 272 11.38 -5.32 21.30
C GLU A 272 11.16 -6.80 21.61
N LEU A 273 12.24 -7.48 21.96
CA LEU A 273 12.17 -8.89 22.32
C LEU A 273 11.88 -9.08 23.81
N MET B 1 -17.59 -24.05 7.19
CA MET B 1 -16.35 -23.31 7.37
C MET B 1 -16.37 -21.94 6.72
N ARG B 2 -16.22 -20.88 7.50
CA ARG B 2 -16.20 -19.53 6.94
C ARG B 2 -14.90 -19.27 6.18
N GLN B 3 -15.02 -18.62 5.04
CA GLN B 3 -13.89 -18.29 4.16
C GLN B 3 -13.88 -16.78 3.96
N ILE B 4 -13.03 -16.08 4.70
CA ILE B 4 -13.05 -14.64 4.80
C ILE B 4 -11.73 -14.08 4.30
N ALA B 5 -11.80 -12.93 3.65
CA ALA B 5 -10.62 -12.17 3.24
C ALA B 5 -10.76 -10.73 3.73
N ILE B 6 -9.66 -10.15 4.13
CA ILE B 6 -9.61 -8.75 4.55
C ILE B 6 -8.81 -7.97 3.52
N TYR B 7 -9.46 -7.00 2.89
CA TYR B 7 -8.82 -6.09 1.96
C TYR B 7 -8.84 -4.68 2.52
N GLY B 8 -8.04 -3.81 1.93
CA GLY B 8 -8.06 -2.40 2.28
C GLY B 8 -6.81 -1.71 1.80
N LYS B 9 -6.89 -0.37 1.77
CA LYS B 9 -5.68 0.42 1.55
C LYS B 9 -4.65 0.10 2.62
N GLY B 10 -3.39 0.13 2.22
CA GLY B 10 -2.30 -0.18 3.14
C GLY B 10 -1.85 1.06 3.90
N GLY B 11 -1.35 0.83 5.12
CA GLY B 11 -0.89 1.93 5.94
C GLY B 11 -1.90 2.46 6.94
N ILE B 12 -3.05 1.80 7.10
CA ILE B 12 -4.04 2.23 8.08
C ILE B 12 -4.35 1.11 9.07
N GLY B 13 -3.40 0.19 9.28
CA GLY B 13 -3.58 -0.87 10.25
C GLY B 13 -4.52 -1.99 9.85
N LYS B 14 -4.63 -2.29 8.55
CA LYS B 14 -5.49 -3.40 8.13
C LYS B 14 -5.03 -4.71 8.75
N SER B 15 -3.73 -4.99 8.69
CA SER B 15 -3.24 -6.27 9.20
C SER B 15 -3.22 -6.32 10.72
N THR B 16 -2.95 -5.19 11.38
CA THR B 16 -3.26 -5.10 12.80
C THR B 16 -4.67 -5.57 13.08
N THR B 17 -5.64 -5.04 12.32
CA THR B 17 -7.03 -5.42 12.53
C THR B 17 -7.25 -6.90 12.21
N THR B 18 -6.60 -7.41 11.17
CA THR B 18 -6.77 -8.83 10.84
C THR B 18 -6.27 -9.72 11.96
N GLN B 19 -5.05 -9.43 12.45
CA GLN B 19 -4.47 -10.29 13.48
C GLN B 19 -5.20 -10.15 14.81
N ASN B 20 -5.63 -8.93 15.15
CA ASN B 20 -6.38 -8.74 16.38
C ASN B 20 -7.76 -9.36 16.27
N LEU B 21 -8.38 -9.28 15.10
CA LEU B 21 -9.69 -9.89 14.92
C LEU B 21 -9.60 -11.40 15.08
N THR B 22 -8.65 -12.05 14.42
CA THR B 22 -8.53 -13.49 14.51
C THR B 22 -8.18 -13.92 15.94
N ALA B 23 -7.29 -13.17 16.60
CA ALA B 23 -7.03 -13.43 18.02
C ALA B 23 -8.33 -13.40 18.81
N ALA B 24 -9.10 -12.32 18.68
CA ALA B 24 -10.36 -12.22 19.42
C ALA B 24 -11.30 -13.36 19.08
N LEU B 25 -11.30 -13.79 17.81
CA LEU B 25 -12.18 -14.90 17.42
C LEU B 25 -11.70 -16.24 18.00
N SER B 26 -10.38 -16.38 18.20
CA SER B 26 -9.88 -17.63 18.77
C SER B 26 -10.26 -17.77 20.24
N THR B 27 -10.41 -16.65 20.96
CA THR B 27 -10.87 -16.76 22.33
C THR B 27 -12.31 -17.22 22.42
N MET B 28 -13.08 -17.12 21.35
CA MET B 28 -14.47 -17.56 21.33
C MET B 28 -14.62 -19.01 20.89
N GLY B 29 -13.60 -19.84 21.13
CA GLY B 29 -13.68 -21.25 20.78
C GLY B 29 -13.72 -21.53 19.29
N ASN B 30 -12.86 -20.87 18.51
CA ASN B 30 -12.83 -21.01 17.06
C ASN B 30 -11.46 -21.51 16.62
N ASN B 31 -11.46 -22.47 15.69
CA ASN B 31 -10.25 -22.90 15.02
C ASN B 31 -10.08 -22.09 13.73
N ILE B 32 -8.95 -21.41 13.60
CA ILE B 32 -8.76 -20.44 12.53
C ILE B 32 -7.48 -20.76 11.78
N LEU B 33 -7.55 -20.64 10.45
CA LEU B 33 -6.39 -20.65 9.57
C LEU B 33 -6.20 -19.24 9.02
N LEU B 34 -4.97 -18.72 9.08
CA LEU B 34 -4.68 -17.36 8.66
C LEU B 34 -3.58 -17.39 7.60
N VAL B 35 -3.91 -16.91 6.39
CA VAL B 35 -2.99 -16.96 5.26
C VAL B 35 -2.67 -15.52 4.86
N GLY B 36 -1.41 -15.13 5.05
CA GLY B 36 -0.97 -13.82 4.62
C GLY B 36 -0.81 -13.77 3.11
N CYS B 37 -1.54 -12.89 2.45
CA CYS B 37 -1.47 -12.66 1.02
C CYS B 37 -1.19 -11.18 0.74
N ASP B 38 -0.30 -10.61 1.54
CA ASP B 38 -0.02 -9.18 1.49
C ASP B 38 1.49 -9.00 1.63
N PRO B 39 2.19 -8.70 0.54
CA PRO B 39 3.66 -8.66 0.59
C PRO B 39 4.23 -7.47 1.36
N LYS B 40 3.45 -6.52 1.84
CA LYS B 40 4.00 -5.47 2.69
C LYS B 40 3.50 -5.59 4.13
N ALA B 41 2.83 -6.68 4.46
CA ALA B 41 2.32 -6.91 5.80
C ALA B 41 2.94 -8.17 6.37
N ASP B 42 3.44 -8.09 7.59
CA ASP B 42 3.81 -9.28 8.36
C ASP B 42 2.55 -9.78 9.06
N SER B 43 1.72 -10.48 8.28
CA SER B 43 0.35 -10.81 8.66
C SER B 43 0.23 -11.80 9.82
N THR B 44 1.31 -12.45 10.23
CA THR B 44 1.21 -13.45 11.29
C THR B 44 2.14 -13.16 12.47
N ARG B 45 2.95 -12.11 12.41
CA ARG B 45 4.00 -11.96 13.42
C ARG B 45 3.42 -11.65 14.81
N MET B 46 2.25 -11.00 14.88
CA MET B 46 1.67 -10.74 16.20
C MET B 46 0.99 -11.97 16.79
N LEU B 47 0.73 -13.00 15.98
CA LEU B 47 0.23 -14.25 16.52
C LEU B 47 1.33 -15.28 16.75
N LEU B 48 2.50 -15.10 16.15
CA LEU B 48 3.63 -16.01 16.32
C LEU B 48 4.74 -15.43 17.18
N GLY B 49 4.84 -14.10 17.28
CA GLY B 49 5.82 -13.48 18.16
C GLY B 49 7.18 -13.25 17.57
N GLY B 50 7.42 -13.67 16.33
CA GLY B 50 8.72 -13.46 15.71
C GLY B 50 8.67 -12.39 14.65
N LEU B 51 9.43 -12.59 13.58
CA LEU B 51 9.43 -11.73 12.41
C LEU B 51 9.47 -12.59 11.16
N ASN B 52 8.63 -12.24 10.19
CA ASN B 52 8.65 -12.81 8.83
C ASN B 52 8.79 -14.34 8.86
N GLN B 53 7.72 -15.00 9.27
CA GLN B 53 7.70 -16.46 9.23
C GLN B 53 8.05 -16.96 7.83
N LYS B 54 8.71 -18.12 7.77
CA LYS B 54 9.13 -18.67 6.48
C LYS B 54 7.93 -18.88 5.58
N THR B 55 8.02 -18.37 4.35
CA THR B 55 6.87 -18.34 3.45
C THR B 55 6.77 -19.62 2.63
N VAL B 56 5.57 -19.88 2.12
CA VAL B 56 5.35 -21.03 1.26
C VAL B 56 6.26 -20.97 0.04
N LEU B 57 6.38 -19.79 -0.58
CA LEU B 57 7.18 -19.68 -1.80
C LEU B 57 8.66 -19.87 -1.50
N ASP B 58 9.16 -19.28 -0.41
CA ASP B 58 10.57 -19.50 -0.05
C ASP B 58 10.82 -20.98 0.22
N THR B 59 9.86 -21.65 0.87
CA THR B 59 10.00 -23.09 1.11
C THR B 59 10.02 -23.85 -0.21
N LEU B 60 9.20 -23.46 -1.17
CA LEU B 60 9.15 -24.19 -2.44
C LEU B 60 10.45 -24.01 -3.22
N ARG B 61 10.99 -22.80 -3.28
CA ARG B 61 12.23 -22.59 -4.03
C ARG B 61 13.40 -23.32 -3.40
N SER B 62 13.44 -23.38 -2.07
CA SER B 62 14.49 -24.10 -1.38
C SER B 62 14.23 -25.61 -1.32
N GLU B 63 13.19 -26.10 -2.00
CA GLU B 63 12.78 -27.49 -1.84
C GLU B 63 13.88 -28.45 -2.26
N GLY B 64 14.00 -29.56 -1.53
CA GLY B 64 14.95 -30.60 -1.86
C GLY B 64 14.35 -31.68 -2.73
N ASP B 65 15.07 -32.81 -2.81
CA ASP B 65 14.57 -33.95 -3.57
C ASP B 65 13.33 -34.57 -2.92
N GLU B 66 13.16 -34.40 -1.62
CA GLU B 66 11.95 -34.84 -0.94
C GLU B 66 10.82 -33.83 -1.22
N GLY B 67 9.70 -33.98 -0.52
CA GLY B 67 8.56 -33.09 -0.71
C GLY B 67 8.64 -31.83 0.13
N ILE B 68 7.56 -31.54 0.85
CA ILE B 68 7.49 -30.37 1.72
C ILE B 68 6.63 -30.72 2.93
N ASP B 69 7.12 -30.39 4.12
CA ASP B 69 6.38 -30.66 5.35
C ASP B 69 5.47 -29.47 5.66
N LEU B 70 4.20 -29.76 5.94
CA LEU B 70 3.24 -28.70 6.25
C LEU B 70 3.72 -27.84 7.41
N ASP B 71 4.32 -28.47 8.42
CA ASP B 71 4.86 -27.74 9.58
C ASP B 71 5.91 -26.72 9.19
N THR B 72 6.55 -26.87 8.03
CA THR B 72 7.51 -25.86 7.60
C THR B 72 6.80 -24.54 7.32
N VAL B 73 5.63 -24.59 6.69
CA VAL B 73 4.97 -23.39 6.22
C VAL B 73 3.80 -22.99 7.10
N LEU B 74 3.24 -23.92 7.87
CA LEU B 74 2.08 -23.67 8.72
C LEU B 74 2.51 -23.84 10.17
N GLN B 75 2.36 -22.78 10.96
CA GLN B 75 2.83 -22.76 12.34
C GLN B 75 1.70 -22.31 13.26
N PRO B 76 1.51 -23.00 14.39
CA PRO B 76 0.46 -22.57 15.34
C PRO B 76 0.93 -21.38 16.16
N GLY B 77 0.01 -20.45 16.37
CA GLY B 77 0.31 -19.27 17.16
C GLY B 77 -0.72 -19.05 18.26
N PHE B 78 -0.86 -17.80 18.70
CA PHE B 78 -1.81 -17.47 19.77
C PHE B 78 -3.20 -18.02 19.45
N GLY B 79 -3.89 -18.47 20.50
CA GLY B 79 -5.23 -19.01 20.33
C GLY B 79 -5.31 -20.27 19.51
N GLY B 80 -4.17 -20.87 19.15
CA GLY B 80 -4.17 -22.03 18.27
C GLY B 80 -4.35 -21.70 16.81
N ILE B 81 -4.22 -20.43 16.43
CA ILE B 81 -4.40 -20.02 15.04
C ILE B 81 -3.27 -20.57 14.19
N LYS B 82 -3.62 -21.27 13.11
CA LYS B 82 -2.63 -21.73 12.14
C LYS B 82 -2.24 -20.57 11.23
N CYS B 83 -0.95 -20.32 11.12
CA CYS B 83 -0.41 -19.14 10.46
C CYS B 83 0.41 -19.53 9.25
N VAL B 84 0.09 -18.94 8.09
CA VAL B 84 0.82 -19.15 6.85
C VAL B 84 1.10 -17.81 6.19
N GLU B 85 2.28 -17.67 5.59
CA GLU B 85 2.59 -16.55 4.71
C GLU B 85 2.87 -17.09 3.31
N SER B 86 2.12 -16.60 2.33
CA SER B 86 2.37 -16.96 0.93
C SER B 86 3.77 -16.54 0.51
N GLY B 87 4.13 -15.30 0.80
CA GLY B 87 5.36 -14.71 0.29
C GLY B 87 5.09 -13.92 -0.97
N GLY B 88 5.75 -12.77 -1.10
CA GLY B 88 5.56 -11.93 -2.24
C GLY B 88 6.19 -12.52 -3.48
N PRO B 89 6.06 -11.82 -4.60
CA PRO B 89 6.68 -12.28 -5.83
C PRO B 89 8.19 -12.07 -5.79
N GLU B 90 8.87 -12.76 -6.68
CA GLU B 90 10.28 -12.47 -6.90
C GLU B 90 10.42 -11.00 -7.26
N PRO B 91 11.13 -10.20 -6.45
CA PRO B 91 11.07 -8.73 -6.61
C PRO B 91 11.37 -8.23 -8.02
N GLY B 92 10.39 -7.54 -8.61
CA GLY B 92 10.56 -6.93 -9.91
C GLY B 92 10.29 -7.84 -11.09
N VAL B 93 9.91 -9.09 -10.85
CA VAL B 93 9.81 -10.07 -11.91
C VAL B 93 8.48 -10.78 -11.83
N GLY B 94 8.15 -11.31 -10.66
CA GLY B 94 7.00 -12.18 -10.54
C GLY B 94 5.69 -11.43 -10.39
N CYS B 95 4.61 -12.16 -10.62
CA CYS B 95 3.25 -11.69 -10.34
C CYS B 95 2.85 -12.19 -8.96
N ALA B 96 2.35 -11.28 -8.12
CA ALA B 96 2.01 -11.67 -6.77
C ALA B 96 0.83 -12.63 -6.75
N GLY B 97 -0.01 -12.58 -7.78
CA GLY B 97 -1.18 -13.44 -7.78
C GLY B 97 -0.83 -14.89 -7.98
N ARG B 98 0.22 -15.17 -8.75
CA ARG B 98 0.61 -16.56 -8.96
C ARG B 98 1.18 -17.15 -7.68
N GLY B 99 1.92 -16.33 -6.92
CA GLY B 99 2.35 -16.78 -5.60
C GLY B 99 1.19 -17.13 -4.68
N ILE B 100 0.13 -16.31 -4.71
CA ILE B 100 -1.04 -16.59 -3.87
C ILE B 100 -1.76 -17.84 -4.37
N ILE B 101 -1.93 -17.99 -5.68
CA ILE B 101 -2.50 -19.20 -6.24
C ILE B 101 -1.71 -20.41 -5.76
N THR B 102 -0.38 -20.35 -5.89
CA THR B 102 0.46 -21.51 -5.61
C THR B 102 0.41 -21.89 -4.14
N SER B 103 0.41 -20.89 -3.25
CA SER B 103 0.38 -21.17 -1.82
C SER B 103 -0.94 -21.79 -1.38
N ILE B 104 -2.05 -21.23 -1.85
CA ILE B 104 -3.34 -21.83 -1.50
C ILE B 104 -3.40 -23.26 -2.01
N GLY B 105 -2.94 -23.49 -3.25
CA GLY B 105 -2.92 -24.84 -3.78
C GLY B 105 -2.07 -25.80 -2.96
N LEU B 106 -0.90 -25.31 -2.52
CA LEU B 106 -0.03 -26.14 -1.68
C LEU B 106 -0.68 -26.44 -0.34
N LEU B 107 -1.35 -25.46 0.26
CA LEU B 107 -2.08 -25.71 1.50
C LEU B 107 -3.18 -26.73 1.30
N GLU B 108 -3.86 -26.67 0.16
CA GLU B 108 -4.85 -27.70 -0.15
C GLU B 108 -4.20 -29.08 -0.24
N ASN B 109 -3.11 -29.19 -1.03
CA ASN B 109 -2.47 -30.48 -1.25
C ASN B 109 -1.98 -31.10 0.05
N LEU B 110 -1.42 -30.30 0.95
CA LEU B 110 -0.91 -30.83 2.20
C LEU B 110 -1.98 -30.94 3.28
N GLY B 111 -3.26 -30.76 2.93
CA GLY B 111 -4.32 -31.03 3.87
C GLY B 111 -4.50 -30.02 4.99
N ALA B 112 -4.11 -28.77 4.76
CA ALA B 112 -4.23 -27.76 5.81
C ALA B 112 -5.68 -27.32 6.05
N TYR B 113 -6.58 -27.54 5.10
CA TYR B 113 -7.98 -27.18 5.28
C TYR B 113 -8.74 -28.31 5.97
N THR B 114 -8.46 -28.45 7.26
CA THR B 114 -8.96 -29.58 8.03
C THR B 114 -10.45 -29.42 8.34
N ASP B 115 -11.08 -30.56 8.62
CA ASP B 115 -12.53 -30.62 8.86
C ASP B 115 -12.97 -29.81 10.07
N ASP B 116 -12.07 -29.53 11.02
CA ASP B 116 -12.45 -28.85 12.24
C ASP B 116 -12.17 -27.35 12.20
N LEU B 117 -11.80 -26.81 11.04
CA LEU B 117 -11.57 -25.38 10.95
C LEU B 117 -12.90 -24.64 10.96
N ASP B 118 -12.96 -23.55 11.72
CA ASP B 118 -14.15 -22.70 11.70
C ASP B 118 -14.00 -21.55 10.72
N TYR B 119 -12.79 -21.02 10.58
CA TYR B 119 -12.50 -19.89 9.71
C TYR B 119 -11.16 -20.12 9.03
N VAL B 120 -11.08 -19.68 7.78
CA VAL B 120 -9.80 -19.32 7.18
C VAL B 120 -9.88 -17.85 6.84
N PHE B 121 -8.82 -17.12 7.17
CA PHE B 121 -8.71 -15.70 6.86
C PHE B 121 -7.58 -15.49 5.87
N TYR B 122 -7.82 -14.65 4.88
CA TYR B 122 -6.81 -14.20 3.93
C TYR B 122 -6.58 -12.72 4.15
N ASP B 123 -5.37 -12.35 4.54
CA ASP B 123 -4.97 -10.96 4.67
C ASP B 123 -4.40 -10.53 3.33
N VAL B 124 -5.19 -9.82 2.54
CA VAL B 124 -4.87 -9.55 1.15
C VAL B 124 -4.57 -8.08 0.95
N LEU B 125 -3.53 -7.80 0.16
CA LEU B 125 -3.19 -6.43 -0.21
C LEU B 125 -4.32 -5.82 -1.02
N GLY B 126 -4.63 -4.55 -0.74
CA GLY B 126 -5.72 -3.88 -1.42
C GLY B 126 -5.35 -2.54 -2.01
N ASP B 127 -4.05 -2.27 -2.15
CA ASP B 127 -3.60 -1.00 -2.71
C ASP B 127 -3.69 -0.97 -4.22
N VAL B 128 -3.67 -2.13 -4.87
CA VAL B 128 -3.97 -2.25 -6.30
C VAL B 128 -5.00 -3.36 -6.45
N VAL B 129 -6.04 -3.10 -7.23
CA VAL B 129 -7.06 -4.13 -7.40
C VAL B 129 -6.85 -4.79 -8.75
N CYS B 130 -5.69 -5.41 -8.93
CA CYS B 130 -5.38 -6.06 -10.19
C CYS B 130 -5.94 -7.48 -10.21
N GLY B 131 -5.78 -8.17 -11.34
CA GLY B 131 -6.18 -9.56 -11.41
C GLY B 131 -5.46 -10.44 -10.39
N GLY B 132 -4.20 -10.14 -10.11
CA GLY B 132 -3.42 -11.01 -9.24
C GLY B 132 -3.98 -11.03 -7.83
N PHE B 133 -4.19 -9.86 -7.23
CA PHE B 133 -4.65 -9.81 -5.86
C PHE B 133 -6.14 -10.07 -5.73
N ALA B 134 -6.86 -10.18 -6.85
CA ALA B 134 -8.24 -10.63 -6.85
C ALA B 134 -8.37 -12.14 -6.80
N MET B 135 -7.28 -12.88 -6.97
CA MET B 135 -7.37 -14.32 -7.14
C MET B 135 -8.05 -15.05 -5.97
N PRO B 136 -7.81 -14.71 -4.69
CA PRO B 136 -8.60 -15.35 -3.61
C PRO B 136 -10.09 -15.25 -3.82
N ILE B 137 -10.58 -14.16 -4.41
CA ILE B 137 -11.99 -14.05 -4.73
C ILE B 137 -12.31 -14.86 -6.00
N ARG B 138 -11.67 -14.52 -7.12
CA ARG B 138 -11.97 -15.17 -8.40
C ARG B 138 -11.95 -16.69 -8.28
N GLU B 139 -10.93 -17.24 -7.61
CA GLU B 139 -10.74 -18.67 -7.43
C GLU B 139 -11.78 -19.29 -6.49
N GLY B 140 -12.76 -18.52 -6.04
CA GLY B 140 -13.76 -19.06 -5.13
C GLY B 140 -13.27 -19.37 -3.74
N LYS B 141 -12.03 -19.03 -3.40
CA LYS B 141 -11.48 -19.43 -2.11
C LYS B 141 -11.92 -18.52 -0.97
N ALA B 142 -12.26 -17.26 -1.27
CA ALA B 142 -12.73 -16.32 -0.26
C ALA B 142 -14.10 -15.82 -0.68
N LYS B 143 -15.11 -16.07 0.17
CA LYS B 143 -16.49 -15.75 -0.16
C LYS B 143 -17.07 -14.60 0.66
N GLU B 144 -16.41 -14.20 1.74
CA GLU B 144 -16.94 -13.19 2.65
C GLU B 144 -15.84 -12.15 2.87
N ILE B 145 -16.02 -10.96 2.29
CA ILE B 145 -14.96 -9.96 2.26
C ILE B 145 -15.31 -8.82 3.21
N TYR B 146 -14.34 -8.43 4.03
CA TYR B 146 -14.43 -7.22 4.82
C TYR B 146 -13.35 -6.27 4.35
N ILE B 147 -13.68 -4.99 4.28
CA ILE B 147 -12.76 -3.97 3.82
C ILE B 147 -12.47 -3.04 4.97
N VAL B 148 -11.20 -2.81 5.21
CA VAL B 148 -10.75 -1.86 6.21
C VAL B 148 -10.58 -0.51 5.53
N ALA B 149 -11.18 0.52 6.11
CA ALA B 149 -11.03 1.87 5.57
C ALA B 149 -10.95 2.84 6.74
N SER B 150 -10.64 4.08 6.40
CA SER B 150 -10.62 5.16 7.36
C SER B 150 -11.22 6.39 6.68
N GLY B 151 -11.43 7.45 7.47
CA GLY B 151 -11.98 8.67 6.93
C GLY B 151 -11.02 9.47 6.09
N GLU B 152 -10.30 8.80 5.19
CA GLU B 152 -9.42 9.46 4.23
C GLU B 152 -9.89 9.14 2.80
N LEU B 153 -9.73 10.13 1.91
CA LEU B 153 -10.31 10.00 0.58
C LEU B 153 -9.78 8.78 -0.17
N MET B 154 -8.46 8.62 -0.24
CA MET B 154 -7.92 7.51 -1.00
C MET B 154 -8.16 6.18 -0.29
N ALA B 155 -8.32 6.18 1.04
CA ALA B 155 -8.71 4.96 1.72
C ALA B 155 -10.12 4.52 1.30
N ILE B 156 -11.03 5.49 1.15
CA ILE B 156 -12.39 5.14 0.71
C ILE B 156 -12.42 4.90 -0.78
N TYR B 157 -11.66 5.67 -1.55
CA TYR B 157 -11.46 5.39 -2.96
C TYR B 157 -11.00 3.95 -3.16
N ALA B 158 -9.99 3.52 -2.40
CA ALA B 158 -9.46 2.17 -2.53
C ALA B 158 -10.51 1.12 -2.23
N ALA B 159 -11.31 1.34 -1.17
CA ALA B 159 -12.39 0.41 -0.85
C ALA B 159 -13.41 0.34 -1.96
N ASN B 160 -13.75 1.50 -2.54
CA ASN B 160 -14.68 1.54 -3.66
C ASN B 160 -14.19 0.70 -4.83
N ASN B 161 -12.88 0.74 -5.11
CA ASN B 161 -12.32 -0.04 -6.21
C ASN B 161 -12.35 -1.53 -5.89
N ILE B 162 -11.98 -1.89 -4.65
CA ILE B 162 -12.12 -3.28 -4.22
C ILE B 162 -13.55 -3.77 -4.45
N CYS B 163 -14.54 -2.94 -4.12
CA CYS B 163 -15.92 -3.33 -4.33
C CYS B 163 -16.25 -3.54 -5.80
N LYS B 164 -15.61 -2.78 -6.70
CA LYS B 164 -15.85 -2.98 -8.11
C LYS B 164 -15.40 -4.36 -8.55
N GLY B 165 -14.24 -4.81 -8.06
CA GLY B 165 -13.79 -6.16 -8.35
C GLY B 165 -14.72 -7.20 -7.74
N LEU B 166 -15.12 -6.98 -6.50
CA LEU B 166 -16.01 -7.90 -5.79
C LEU B 166 -17.34 -8.06 -6.51
N ALA B 167 -17.94 -6.95 -6.93
CA ALA B 167 -19.21 -7.02 -7.67
C ALA B 167 -19.05 -7.76 -8.99
N LYS B 168 -17.91 -7.56 -9.66
CA LYS B 168 -17.67 -8.20 -10.95
C LYS B 168 -17.70 -9.72 -10.84
N PHE B 169 -17.32 -10.27 -9.69
CA PHE B 169 -17.26 -11.72 -9.51
C PHE B 169 -18.32 -12.21 -8.54
N ALA B 170 -19.48 -11.53 -8.54
CA ALA B 170 -20.59 -11.93 -7.67
C ALA B 170 -21.13 -13.32 -8.02
N LYS B 171 -21.19 -13.66 -9.30
CA LYS B 171 -21.70 -14.97 -9.68
C LYS B 171 -20.83 -16.11 -9.17
N GLY B 172 -19.57 -15.83 -8.84
CA GLY B 172 -18.73 -16.82 -8.18
C GLY B 172 -19.04 -17.02 -6.71
N GLY B 173 -19.86 -16.15 -6.11
CA GLY B 173 -20.31 -16.33 -4.74
C GLY B 173 -19.70 -15.40 -3.72
N ALA B 174 -18.72 -14.58 -4.10
CA ALA B 174 -18.12 -13.66 -3.14
C ALA B 174 -19.09 -12.54 -2.80
N ARG B 175 -19.03 -12.09 -1.55
CA ARG B 175 -19.96 -11.09 -1.04
C ARG B 175 -19.22 -10.16 -0.09
N LEU B 176 -19.70 -8.92 -0.03
CA LEU B 176 -19.19 -7.95 0.94
C LEU B 176 -19.89 -8.15 2.29
N GLY B 177 -19.11 -8.49 3.31
CA GLY B 177 -19.67 -8.57 4.66
C GLY B 177 -19.84 -7.23 5.34
N GLY B 178 -18.97 -6.28 5.06
CA GLY B 178 -19.11 -4.95 5.64
C GLY B 178 -17.81 -4.18 5.59
N ILE B 179 -17.89 -2.94 6.07
CA ILE B 179 -16.73 -2.07 6.20
C ILE B 179 -16.29 -2.06 7.66
N ILE B 180 -14.99 -2.09 7.88
CA ILE B 180 -14.40 -1.91 9.20
C ILE B 180 -13.62 -0.60 9.16
N CYS B 181 -13.88 0.28 10.12
CA CYS B 181 -13.22 1.57 10.15
C CYS B 181 -12.08 1.55 11.17
N ASN B 182 -10.86 1.79 10.69
CA ASN B 182 -9.72 1.98 11.57
C ASN B 182 -9.59 3.48 11.79
N SER B 183 -10.04 3.94 12.95
CA SER B 183 -10.19 5.37 13.18
C SER B 183 -8.86 6.10 13.13
N ARG B 184 -8.75 7.03 12.19
CA ARG B 184 -7.63 7.97 12.14
C ARG B 184 -7.86 9.18 13.04
N LYS B 185 -8.83 9.10 13.95
CA LYS B 185 -9.13 10.17 14.92
C LYS B 185 -9.44 11.50 14.23
N VAL B 186 -10.22 11.44 13.15
CA VAL B 186 -10.64 12.64 12.42
C VAL B 186 -12.12 12.85 12.67
N ASP B 187 -12.56 14.11 12.49
CA ASP B 187 -13.90 14.50 12.88
C ASP B 187 -14.95 13.92 11.94
N GLY B 188 -16.00 13.35 12.52
CA GLY B 188 -17.06 12.75 11.73
C GLY B 188 -16.63 11.55 10.93
N GLU B 189 -15.54 10.90 11.33
CA GLU B 189 -15.04 9.73 10.62
C GLU B 189 -16.12 8.64 10.56
N ARG B 190 -16.68 8.29 11.72
CA ARG B 190 -17.66 7.21 11.76
C ARG B 190 -18.88 7.56 10.91
N GLU B 191 -19.31 8.82 10.95
CA GLU B 191 -20.46 9.22 10.15
C GLU B 191 -20.18 9.07 8.65
N LEU B 192 -19.00 9.49 8.21
CA LEU B 192 -18.64 9.37 6.80
C LEU B 192 -18.62 7.91 6.37
N LEU B 193 -17.98 7.05 7.17
CA LEU B 193 -17.86 5.65 6.78
C LEU B 193 -19.20 4.93 6.85
N GLU B 194 -20.04 5.32 7.81
CA GLU B 194 -21.39 4.75 7.85
C GLU B 194 -22.19 5.13 6.61
N ALA B 195 -22.01 6.37 6.14
CA ALA B 195 -22.67 6.77 4.91
C ALA B 195 -22.07 6.03 3.70
N PHE B 196 -20.76 5.91 3.66
CA PHE B 196 -20.10 5.15 2.59
C PHE B 196 -20.62 3.72 2.56
N ALA B 197 -20.66 3.06 3.72
CA ALA B 197 -21.12 1.68 3.78
C ALA B 197 -22.58 1.57 3.32
N LYS B 198 -23.42 2.53 3.71
CA LYS B 198 -24.82 2.48 3.28
C LYS B 198 -24.93 2.64 1.76
N LYS B 199 -24.14 3.54 1.17
CA LYS B 199 -24.20 3.72 -0.27
C LYS B 199 -23.72 2.48 -1.03
N LEU B 200 -22.89 1.64 -0.41
CA LEU B 200 -22.50 0.37 -1.04
C LEU B 200 -23.56 -0.70 -0.91
N GLY B 201 -24.59 -0.49 -0.09
CA GLY B 201 -25.54 -1.52 0.25
C GLY B 201 -25.13 -2.37 1.43
N SER B 202 -24.13 -1.95 2.19
CA SER B 202 -23.58 -2.74 3.29
C SER B 202 -23.76 -2.00 4.62
N HIS B 203 -22.86 -2.23 5.56
CA HIS B 203 -22.95 -1.56 6.85
C HIS B 203 -21.56 -1.46 7.46
N LEU B 204 -21.42 -0.55 8.41
CA LEU B 204 -20.16 -0.40 9.13
C LEU B 204 -20.13 -1.45 10.24
N ILE B 205 -19.30 -2.48 10.07
CA ILE B 205 -19.30 -3.60 10.99
C ILE B 205 -18.78 -3.17 12.37
N HIS B 206 -17.79 -2.29 12.40
CA HIS B 206 -17.34 -1.78 13.68
C HIS B 206 -16.42 -0.60 13.45
N PHE B 207 -16.39 0.28 14.45
CA PHE B 207 -15.50 1.43 14.48
C PHE B 207 -14.38 1.12 15.47
N VAL B 208 -13.17 0.97 14.96
CA VAL B 208 -12.01 0.59 15.76
C VAL B 208 -11.26 1.85 16.15
N PRO B 209 -11.16 2.19 17.43
CA PRO B 209 -10.56 3.46 17.83
C PRO B 209 -9.04 3.43 17.82
N ARG B 210 -8.46 4.61 17.56
CA ARG B 210 -7.03 4.77 17.75
C ARG B 210 -6.71 4.66 19.24
N ASP B 211 -5.69 3.87 19.57
CA ASP B 211 -5.38 3.56 20.96
C ASP B 211 -3.92 3.14 21.05
N ASN B 212 -3.17 3.80 21.93
CA ASN B 212 -1.74 3.53 22.02
C ASN B 212 -1.43 2.13 22.55
N ILE B 213 -2.41 1.44 23.13
CA ILE B 213 -2.21 0.04 23.52
C ILE B 213 -1.86 -0.80 22.30
N VAL B 214 -2.36 -0.43 21.13
CA VAL B 214 -2.11 -1.19 19.91
C VAL B 214 -0.63 -1.15 19.57
N GLN B 215 -0.06 0.07 19.48
CA GLN B 215 1.37 0.18 19.21
C GLN B 215 2.20 -0.50 20.30
N ARG B 216 1.73 -0.47 21.54
CA ARG B 216 2.44 -1.13 22.62
C ARG B 216 2.47 -2.64 22.41
N ALA B 217 1.31 -3.21 22.06
CA ALA B 217 1.22 -4.66 21.85
C ALA B 217 2.13 -5.11 20.70
N GLU B 218 2.10 -4.38 19.59
CA GLU B 218 2.81 -4.83 18.40
C GLU B 218 4.32 -4.69 18.55
N ILE B 219 4.78 -3.64 19.23
CA ILE B 219 6.22 -3.53 19.46
C ILE B 219 6.69 -4.68 20.33
N ASN B 220 5.81 -5.20 21.19
CA ASN B 220 6.08 -6.41 21.96
C ASN B 220 5.58 -7.67 21.27
N ARG B 221 5.38 -7.61 19.94
CA ARG B 221 5.17 -8.80 19.11
C ARG B 221 3.84 -9.50 19.45
N LYS B 222 2.82 -8.73 19.81
CA LYS B 222 1.58 -9.35 20.27
C LYS B 222 0.37 -8.59 19.73
N THR B 223 -0.76 -9.29 19.74
CA THR B 223 -2.07 -8.67 19.57
C THR B 223 -2.50 -8.02 20.87
N VAL B 224 -3.51 -7.16 20.79
CA VAL B 224 -3.98 -6.49 22.00
C VAL B 224 -4.69 -7.48 22.91
N ILE B 225 -5.43 -8.43 22.32
CA ILE B 225 -6.11 -9.45 23.11
C ILE B 225 -5.11 -10.27 23.91
N ASP B 226 -3.96 -10.57 23.30
CA ASP B 226 -2.91 -11.29 24.00
C ASP B 226 -2.16 -10.38 24.96
N PHE B 227 -1.80 -9.17 24.51
CA PHE B 227 -1.02 -8.24 25.31
C PHE B 227 -1.77 -7.78 26.55
N ASP B 228 -3.11 -7.77 26.51
CA ASP B 228 -3.93 -7.32 27.63
C ASP B 228 -5.38 -7.76 27.46
N ARG B 229 -5.69 -9.01 27.81
CA ARG B 229 -7.03 -9.54 27.60
C ARG B 229 -8.11 -8.63 28.17
N GLU B 230 -7.82 -7.93 29.26
CA GLU B 230 -8.83 -7.10 29.93
C GLU B 230 -8.77 -5.64 29.47
N SER B 231 -8.00 -5.35 28.43
CA SER B 231 -7.89 -4.00 27.88
C SER B 231 -9.22 -3.51 27.33
N ASP B 232 -9.34 -2.18 27.22
CA ASP B 232 -10.50 -1.59 26.56
C ASP B 232 -10.49 -1.89 25.07
N GLN B 233 -9.36 -1.62 24.42
CA GLN B 233 -9.23 -1.91 22.99
C GLN B 233 -9.43 -3.39 22.69
N ALA B 234 -8.98 -4.26 23.61
CA ALA B 234 -9.27 -5.68 23.48
C ALA B 234 -10.77 -5.93 23.42
N LYS B 235 -11.53 -5.27 24.29
CA LYS B 235 -12.98 -5.41 24.25
C LYS B 235 -13.54 -4.90 22.93
N GLU B 236 -12.90 -3.90 22.33
CA GLU B 236 -13.32 -3.41 21.03
C GLU B 236 -13.16 -4.49 19.96
N TYR B 237 -11.96 -5.08 19.86
CA TYR B 237 -11.75 -6.15 18.90
C TYR B 237 -12.67 -7.34 19.17
N LEU B 238 -13.01 -7.58 20.44
CA LEU B 238 -13.93 -8.67 20.74
C LEU B 238 -15.33 -8.36 20.21
N THR B 239 -15.75 -7.11 20.29
CA THR B 239 -17.02 -6.71 19.71
C THR B 239 -17.00 -6.87 18.19
N LEU B 240 -15.96 -6.34 17.55
CA LEU B 240 -15.73 -6.59 16.13
C LEU B 240 -15.83 -8.08 15.81
N ALA B 241 -15.15 -8.91 16.61
CA ALA B 241 -15.19 -10.36 16.38
C ALA B 241 -16.61 -10.89 16.49
N ASP B 242 -17.34 -10.49 17.52
CA ASP B 242 -18.72 -10.93 17.66
C ASP B 242 -19.57 -10.44 16.49
N ASN B 243 -19.34 -9.21 16.04
CA ASN B 243 -20.08 -8.68 14.91
C ASN B 243 -19.79 -9.48 13.63
N VAL B 244 -18.51 -9.77 13.37
CA VAL B 244 -18.17 -10.55 12.19
C VAL B 244 -18.79 -11.95 12.29
N GLN B 245 -18.63 -12.60 13.45
CA GLN B 245 -19.08 -13.97 13.58
C GLN B 245 -20.59 -14.10 13.35
N ASN B 246 -21.36 -13.12 13.84
CA ASN B 246 -22.82 -13.17 13.73
C ASN B 246 -23.35 -12.41 12.53
N ASN B 247 -22.48 -11.84 11.71
CA ASN B 247 -22.91 -11.06 10.56
C ASN B 247 -23.70 -11.93 9.58
N ASN B 248 -24.96 -11.58 9.35
CA ASN B 248 -25.79 -12.27 8.36
C ASN B 248 -26.17 -11.38 7.18
N LYS B 249 -25.50 -10.24 7.01
CA LYS B 249 -25.76 -9.30 5.92
C LYS B 249 -24.56 -9.31 4.97
N LEU B 250 -24.63 -10.19 3.97
CA LEU B 250 -23.61 -10.27 2.93
C LEU B 250 -24.25 -9.87 1.61
N VAL B 251 -23.69 -8.86 0.93
CA VAL B 251 -24.32 -8.28 -0.24
C VAL B 251 -23.34 -8.21 -1.41
N VAL B 252 -23.90 -8.08 -2.60
CA VAL B 252 -23.15 -7.63 -3.77
C VAL B 252 -23.09 -6.12 -3.68
N PRO B 253 -21.92 -5.51 -3.45
CA PRO B 253 -21.87 -4.06 -3.25
C PRO B 253 -22.19 -3.29 -4.53
N THR B 254 -22.68 -2.07 -4.34
CA THR B 254 -22.94 -1.16 -5.44
C THR B 254 -21.92 -0.02 -5.35
N PRO B 255 -20.79 -0.12 -6.04
CA PRO B 255 -19.74 0.89 -5.87
C PRO B 255 -20.24 2.28 -6.25
N LEU B 256 -19.67 3.26 -5.60
CA LEU B 256 -20.16 4.62 -5.79
C LEU B 256 -19.59 5.21 -7.07
N PRO B 257 -20.39 5.96 -7.83
CA PRO B 257 -19.83 6.74 -8.93
C PRO B 257 -18.84 7.77 -8.39
N MET B 258 -17.87 8.14 -9.22
CA MET B 258 -16.81 9.05 -8.78
C MET B 258 -17.38 10.34 -8.18
N GLU B 259 -18.34 10.97 -8.86
CA GLU B 259 -18.89 12.24 -8.37
C GLU B 259 -19.61 12.07 -7.03
N GLU B 260 -20.26 10.92 -6.84
CA GLU B 260 -20.94 10.66 -5.57
C GLU B 260 -19.95 10.42 -4.45
N LEU B 261 -18.80 9.83 -4.76
CA LEU B 261 -17.81 9.60 -3.72
C LEU B 261 -17.08 10.89 -3.35
N GLU B 262 -16.77 11.73 -4.35
CA GLU B 262 -16.18 13.03 -4.06
C GLU B 262 -17.16 13.92 -3.31
N ALA B 263 -18.44 13.88 -3.70
CA ALA B 263 -19.45 14.66 -2.98
C ALA B 263 -19.47 14.28 -1.50
N MET B 264 -19.43 12.99 -1.21
CA MET B 264 -19.42 12.53 0.18
C MET B 264 -18.22 13.09 0.94
N MET B 265 -17.08 13.24 0.27
CA MET B 265 -15.93 13.84 0.92
C MET B 265 -16.15 15.30 1.24
N VAL B 266 -16.80 16.04 0.33
CA VAL B 266 -17.09 17.44 0.57
C VAL B 266 -18.15 17.59 1.66
N GLU B 267 -19.16 16.71 1.63
CA GLU B 267 -20.25 16.80 2.60
C GLU B 267 -19.74 16.66 4.02
N PHE B 268 -18.73 15.83 4.23
CA PHE B 268 -18.23 15.54 5.58
C PHE B 268 -16.93 16.28 5.90
N GLY B 269 -16.63 17.34 5.17
CA GLY B 269 -15.45 18.15 5.47
C GLY B 269 -14.12 17.48 5.23
N ILE B 270 -14.10 16.27 4.69
CA ILE B 270 -12.82 15.62 4.37
C ILE B 270 -12.06 16.42 3.33
N VAL B 271 -12.77 16.92 2.32
CA VAL B 271 -12.23 17.85 1.34
C VAL B 271 -12.94 19.18 1.55
N GLU B 272 -12.17 20.26 1.62
CA GLU B 272 -12.72 21.60 1.73
C GLU B 272 -12.50 22.36 0.43
N LEU B 273 -13.59 22.86 -0.13
CA LEU B 273 -13.51 23.69 -1.32
C LEU B 273 -13.48 25.17 -0.93
#